data_4F6T
#
_entry.id   4F6T
#
_cell.length_a   115.740
_cell.length_b   115.740
_cell.length_c   233.620
_cell.angle_alpha   90.00
_cell.angle_beta   90.00
_cell.angle_gamma   120.00
#
_symmetry.space_group_name_H-M   'P 63 2 2'
#
loop_
_entity.id
_entity.type
_entity.pdbx_description
1 polymer 'Molybdenum storage protein subunit beta'
2 polymer 'Molybdenum storage protein subunit alpha'
3 non-polymer "ADENOSINE-5'-TRIPHOSPHATE"
4 non-polymer 'bis(mu4-oxo)-tetrakis(mu3-oxo)-hexakis(mu2-oxo)-hexadecaoxo-octamolybdenum (VI)'
5 non-polymer 'PHOSPHATE ION'
6 non-polymer 'MAGNESIUM ION'
7 non-polymer 'MO(6)-O(26) Cluster'
8 non-polymer 'MOLYBDENUM ATOM'
9 water water
#
loop_
_entity_poly.entity_id
_entity_poly.type
_entity_poly.pdbx_seq_one_letter_code
_entity_poly.pdbx_strand_id
1 'polypeptide(L)'
;NSTAELEELLMQRSLTDPQLQAAAAAAADFRILPDATVIKIGGQSVIDRGRAAVYPLVDEIVAARKNHKLLIGTGAGTRA
RHLYSIAAGLGLPAGVLAQLGSSVADQNAAMLGQLLAKHGIPVVGGAGLSAVPLSLAEVNAVVFSGMPPYKLWMRPAAEG
VIPPYRTDAGCFLLAEQFGCKQMIFVKDEDGLYTANPKTSKDATFIPRISVDEMKAKGLHDSILEFPVLDLLQSAQHVRE
VQVVNGLVPGNLTRALAGEHVGTIITAS
;
B
2 'polypeptide(L)'
;RPIRLLPWLQVVKIGGRVMDRGADAILPLVEELRKLLPEHRLLILTGAGVRARHVFSVGLDLGLPVGSLAPLAASEAGQN
GHILAAMLASEGVSYVEHPTVADQLAIHLSATRAVVGSAFPPYHHHEFPGSRIPPHRADTGAFLLADAFGAAGLTIVENV
DGIYTADPNGPDRGQARFLPETSATDLAKSEGPLPVDRALLDVMATARHIERVQVVNGLVPGRLTAALRGEHVGTLIRTG
VRPA
;
A
#
loop_
_chem_comp.id
_chem_comp.type
_chem_comp.name
_chem_comp.formula
6M0 non-polymer 'MO(6)-O(26) Cluster' 'H16 Mo6 O26'
8M0 non-polymer 'bis(mu4-oxo)-tetrakis(mu3-oxo)-hexakis(mu2-oxo)-hexadecaoxo-octamolybdenum (VI)' 'Mo8 O28 -8'
ATP non-polymer ADENOSINE-5'-TRIPHOSPHATE 'C10 H16 N5 O13 P3'
MG non-polymer 'MAGNESIUM ION' 'Mg 2'
MO non-polymer 'MOLYBDENUM ATOM' Mo
PO4 non-polymer 'PHOSPHATE ION' 'O4 P -3'
#
# COMPACT_ATOMS: atom_id res chain seq x y z
N ASN A 1 -8.37 -4.37 28.70
CA ASN A 1 -7.11 -4.60 27.91
C ASN A 1 -5.83 -4.76 28.77
N SER A 2 -4.87 -5.52 28.27
CA SER A 2 -3.51 -5.56 28.82
C SER A 2 -2.54 -6.08 27.74
N THR A 3 -1.24 -5.89 27.97
CA THR A 3 -0.18 -6.34 27.06
C THR A 3 -0.24 -7.83 26.89
N ALA A 4 -0.38 -8.54 28.01
CA ALA A 4 -0.44 -10.00 28.02
C ALA A 4 -1.68 -10.50 27.29
N GLU A 5 -2.83 -9.82 27.51
CA GLU A 5 -4.11 -10.12 26.81
C GLU A 5 -3.96 -9.99 25.24
N LEU A 6 -3.50 -8.79 24.86
CA LEU A 6 -3.18 -8.53 23.46
C LEU A 6 -2.20 -9.59 22.89
N GLU A 7 -1.18 -9.96 23.71
CA GLU A 7 -0.12 -10.88 23.19
C GLU A 7 -0.81 -12.25 22.98
N GLU A 8 -1.69 -12.69 23.90
CA GLU A 8 -2.40 -13.94 23.66
C GLU A 8 -3.29 -13.94 22.43
N LEU A 9 -4.05 -12.86 22.25
CA LEU A 9 -4.87 -12.76 21.03
C LEU A 9 -3.95 -12.76 19.83
N LEU A 10 -2.85 -11.99 19.87
CA LEU A 10 -1.92 -11.97 18.69
C LEU A 10 -1.32 -13.34 18.34
N MET A 11 -1.11 -14.20 19.33
CA MET A 11 -0.57 -15.52 19.10
C MET A 11 -1.69 -16.47 18.62
N GLN A 12 -2.90 -16.31 19.16
CA GLN A 12 -3.91 -17.41 19.06
C GLN A 12 -5.03 -17.20 18.01
N ARG A 13 -5.20 -15.98 17.52
CA ARG A 13 -6.27 -15.68 16.58
C ARG A 13 -5.71 -15.29 15.24
N SER A 14 -6.58 -15.30 14.22
CA SER A 14 -6.24 -14.63 12.98
C SER A 14 -6.16 -13.13 13.24
N LEU A 15 -5.28 -12.47 12.48
CA LEU A 15 -5.22 -10.96 12.51
C LEU A 15 -6.60 -10.38 12.09
N THR A 16 -7.44 -11.14 11.39
CA THR A 16 -8.79 -10.65 11.01
C THR A 16 -9.78 -10.67 12.19
N ASP A 17 -9.40 -11.27 13.31
CA ASP A 17 -10.36 -11.48 14.38
C ASP A 17 -10.73 -10.12 15.05
N PRO A 18 -12.03 -9.79 15.13
CA PRO A 18 -12.44 -8.47 15.64
C PRO A 18 -11.92 -8.27 17.05
N GLN A 19 -11.75 -9.36 17.80
CA GLN A 19 -11.34 -9.20 19.19
C GLN A 19 -9.85 -8.79 19.21
N LEU A 20 -9.05 -9.37 18.31
CA LEU A 20 -7.61 -8.95 18.23
C LEU A 20 -7.53 -7.50 17.70
N GLN A 21 -8.28 -7.19 16.63
CA GLN A 21 -8.30 -5.82 16.07
C GLN A 21 -8.64 -4.79 17.15
N ALA A 22 -9.62 -5.09 17.99
CA ALA A 22 -9.94 -4.10 19.01
C ALA A 22 -8.89 -3.95 20.10
N ALA A 23 -8.29 -5.06 20.49
CA ALA A 23 -7.21 -5.01 21.50
C ALA A 23 -5.99 -4.19 20.96
N ALA A 24 -5.66 -4.39 19.71
CA ALA A 24 -4.51 -3.68 19.11
C ALA A 24 -4.82 -2.17 19.06
N ALA A 25 -6.08 -1.80 18.88
CA ALA A 25 -6.50 -0.35 18.82
C ALA A 25 -6.22 0.37 20.11
N ALA A 26 -6.13 -0.38 21.21
CA ALA A 26 -5.88 0.21 22.53
C ALA A 26 -4.38 0.44 22.77
N ALA A 27 -3.50 0.06 21.82
CA ALA A 27 -2.03 0.28 21.99
C ALA A 27 -1.71 1.76 22.13
N ALA A 28 -0.60 2.04 22.77
CA ALA A 28 -0.09 3.43 22.83
C ALA A 28 0.16 3.98 21.42
N ASP A 29 0.18 5.29 21.29
CA ASP A 29 0.37 5.92 20.02
C ASP A 29 1.61 6.83 19.99
N PHE A 30 2.70 6.37 19.39
CA PHE A 30 3.91 7.14 19.30
C PHE A 30 3.96 7.94 18.00
N ARG A 31 4.29 9.25 18.09
CA ARG A 31 4.46 10.06 16.88
C ARG A 31 5.96 10.17 16.63
N ILE A 32 6.39 9.73 15.47
CA ILE A 32 7.82 9.61 15.15
C ILE A 32 8.42 10.98 14.91
N LEU A 33 7.74 11.89 14.19
CA LEU A 33 8.34 13.20 13.83
CA LEU A 33 8.33 13.20 13.84
C LEU A 33 7.28 14.30 14.07
N PRO A 34 6.90 14.47 15.30
CA PRO A 34 5.71 15.27 15.58
C PRO A 34 5.90 16.74 15.24
N ASP A 35 7.13 17.27 15.19
CA ASP A 35 7.29 18.73 15.00
C ASP A 35 7.50 19.06 13.53
N ALA A 36 7.35 18.09 12.62
CA ALA A 36 7.58 18.33 11.18
C ALA A 36 6.26 18.70 10.48
N THR A 37 6.36 19.46 9.39
CA THR A 37 5.18 19.73 8.51
C THR A 37 5.53 19.10 7.18
N VAL A 38 4.62 18.34 6.62
CA VAL A 38 4.81 17.83 5.26
C VAL A 38 4.10 18.79 4.28
N ILE A 39 4.81 19.15 3.22
CA ILE A 39 4.28 20.00 2.15
CA ILE A 39 4.25 19.99 2.14
C ILE A 39 4.37 19.25 0.84
N LYS A 40 3.31 19.28 0.09
CA LYS A 40 3.39 18.75 -1.28
C LYS A 40 3.48 19.89 -2.26
N ILE A 41 4.51 19.87 -3.13
CA ILE A 41 4.62 20.89 -4.21
C ILE A 41 4.02 20.24 -5.48
N GLY A 42 2.88 20.76 -5.96
CA GLY A 42 2.20 20.17 -7.13
C GLY A 42 3.04 20.12 -8.40
N GLY A 43 2.97 18.97 -9.09
CA GLY A 43 3.68 18.84 -10.38
C GLY A 43 3.09 19.70 -11.48
N GLN A 44 1.85 19.43 -11.85
CA GLN A 44 1.15 20.28 -12.82
C GLN A 44 0.95 21.71 -12.30
N SER A 45 0.62 21.79 -11.03
CA SER A 45 0.26 23.11 -10.59
C SER A 45 1.45 24.08 -10.33
N VAL A 46 2.63 23.53 -10.04
CA VAL A 46 3.79 24.37 -9.73
C VAL A 46 5.05 24.04 -10.58
N ILE A 47 5.56 22.83 -10.44
CA ILE A 47 6.89 22.54 -10.98
C ILE A 47 6.87 22.62 -12.52
N ASP A 48 5.82 22.07 -13.14
CA ASP A 48 5.68 22.20 -14.61
C ASP A 48 5.67 23.64 -15.14
N ARG A 49 5.35 24.61 -14.27
CA ARG A 49 5.35 26.03 -14.66
C ARG A 49 6.74 26.64 -14.69
N GLY A 50 7.76 25.92 -14.24
CA GLY A 50 9.11 26.47 -14.33
C GLY A 50 9.46 27.58 -13.32
N ARG A 51 10.41 28.42 -13.75
CA ARG A 51 11.09 29.37 -12.87
C ARG A 51 10.08 30.35 -12.19
N ALA A 52 9.09 30.82 -12.92
CA ALA A 52 8.21 31.86 -12.35
C ALA A 52 7.47 31.33 -11.11
N ALA A 53 7.16 29.99 -11.10
CA ALA A 53 6.49 29.39 -9.93
C ALA A 53 7.54 28.81 -8.94
N VAL A 54 8.59 28.19 -9.45
CA VAL A 54 9.43 27.41 -8.56
C VAL A 54 10.43 28.31 -7.78
N TYR A 55 11.00 29.33 -8.44
CA TYR A 55 12.04 30.10 -7.75
C TYR A 55 11.47 30.82 -6.53
N PRO A 56 10.24 31.41 -6.60
CA PRO A 56 9.76 32.07 -5.34
C PRO A 56 9.51 31.02 -4.26
N LEU A 57 9.08 29.78 -4.64
CA LEU A 57 8.85 28.75 -3.64
C LEU A 57 10.16 28.30 -3.00
N VAL A 58 11.20 28.15 -3.82
CA VAL A 58 12.50 27.83 -3.29
C VAL A 58 12.87 28.92 -2.25
N ASP A 59 12.72 30.20 -2.58
CA ASP A 59 13.07 31.24 -1.57
C ASP A 59 12.22 31.09 -0.32
N GLU A 60 10.93 30.71 -0.47
CA GLU A 60 10.09 30.55 0.73
C GLU A 60 10.52 29.38 1.60
N ILE A 61 10.92 28.29 0.95
CA ILE A 61 11.38 27.12 1.70
C ILE A 61 12.63 27.47 2.47
N VAL A 62 13.58 28.10 1.81
CA VAL A 62 14.85 28.52 2.47
C VAL A 62 14.59 29.42 3.68
N ALA A 63 13.70 30.40 3.52
CA ALA A 63 13.35 31.25 4.68
C ALA A 63 12.60 30.50 5.79
N ALA A 64 11.69 29.61 5.37
CA ALA A 64 10.78 28.97 6.29
C ALA A 64 11.53 27.96 7.16
N ARG A 65 12.61 27.33 6.62
CA ARG A 65 13.19 26.23 7.43
C ARG A 65 13.99 26.82 8.59
N LYS A 66 14.13 28.15 8.64
CA LYS A 66 14.73 28.82 9.84
CA LYS A 66 14.75 28.76 9.83
C LYS A 66 13.88 28.60 11.08
N ASN A 67 12.55 28.47 10.89
CA ASN A 67 11.55 28.34 11.95
C ASN A 67 10.72 27.09 11.91
N HIS A 68 10.85 26.28 10.82
CA HIS A 68 9.88 25.22 10.67
C HIS A 68 10.58 24.02 10.02
N LYS A 69 10.42 22.84 10.62
CA LYS A 69 11.04 21.62 10.07
C LYS A 69 10.13 21.15 8.94
N LEU A 70 10.69 20.87 7.76
CA LEU A 70 9.83 20.62 6.57
C LEU A 70 10.24 19.32 5.87
N LEU A 71 9.23 18.60 5.41
CA LEU A 71 9.44 17.46 4.51
CA LEU A 71 9.45 17.48 4.49
C LEU A 71 8.70 17.88 3.25
N ILE A 72 9.42 18.05 2.12
CA ILE A 72 8.85 18.66 0.95
C ILE A 72 8.74 17.61 -0.13
N GLY A 73 7.49 17.19 -0.44
CA GLY A 73 7.30 16.08 -1.43
C GLY A 73 6.94 16.67 -2.80
N THR A 74 7.39 16.04 -3.89
CA THR A 74 7.04 16.54 -5.22
C THR A 74 5.87 15.80 -5.87
N GLY A 75 5.06 16.54 -6.60
CA GLY A 75 4.09 15.97 -7.49
C GLY A 75 4.73 15.55 -8.82
N ALA A 76 3.89 15.18 -9.75
CA ALA A 76 4.36 14.56 -11.03
C ALA A 76 4.03 15.47 -12.21
N GLY A 77 2.76 15.54 -12.67
CA GLY A 77 2.44 16.57 -13.66
C GLY A 77 2.28 15.99 -15.05
N THR A 78 2.46 16.83 -16.01
CA THR A 78 2.09 16.56 -17.40
C THR A 78 2.83 15.35 -18.00
N ARG A 79 4.09 15.17 -17.62
CA ARG A 79 4.83 14.00 -18.20
C ARG A 79 4.23 12.69 -17.69
N ALA A 80 3.70 12.68 -16.47
CA ALA A 80 3.07 11.45 -15.95
C ALA A 80 1.74 11.27 -16.71
N ARG A 81 0.99 12.36 -16.88
CA ARG A 81 -0.27 12.26 -17.71
C ARG A 81 0.04 11.68 -19.08
N HIS A 82 1.15 12.10 -19.69
CA HIS A 82 1.53 11.54 -21.01
C HIS A 82 1.82 10.03 -20.95
N LEU A 83 2.60 9.63 -19.98
CA LEU A 83 2.90 8.19 -19.73
C LEU A 83 1.60 7.44 -19.50
N TYR A 84 0.70 8.01 -18.68
CA TYR A 84 -0.57 7.29 -18.40
C TYR A 84 -1.36 7.14 -19.71
N SER A 85 -1.33 8.15 -20.56
CA SER A 85 -2.11 8.10 -21.80
CA SER A 85 -2.12 8.08 -21.80
C SER A 85 -1.54 6.99 -22.73
N ILE A 86 -0.21 6.97 -22.85
CA ILE A 86 0.40 5.96 -23.70
C ILE A 86 0.09 4.54 -23.13
N ALA A 87 0.36 4.37 -21.86
CA ALA A 87 0.20 3.03 -21.26
C ALA A 87 -1.28 2.60 -21.24
N ALA A 88 -2.19 3.50 -20.91
CA ALA A 88 -3.63 3.09 -20.87
C ALA A 88 -4.11 2.71 -22.27
N GLY A 89 -3.60 3.38 -23.28
CA GLY A 89 -4.04 3.10 -24.69
C GLY A 89 -3.53 1.73 -25.15
N LEU A 90 -2.51 1.24 -24.48
CA LEU A 90 -1.98 -0.11 -24.79
C LEU A 90 -2.72 -1.17 -23.98
N GLY A 91 -3.59 -0.77 -23.05
CA GLY A 91 -4.23 -1.78 -22.20
C GLY A 91 -3.41 -2.21 -20.98
N LEU A 92 -2.44 -1.39 -20.58
CA LEU A 92 -1.64 -1.78 -19.41
C LEU A 92 -2.44 -1.51 -18.12
N PRO A 93 -2.24 -2.32 -17.10
CA PRO A 93 -3.06 -2.18 -15.84
C PRO A 93 -2.51 -1.07 -14.94
N ALA A 94 -3.28 -0.74 -13.90
CA ALA A 94 -2.96 0.38 -12.99
C ALA A 94 -1.56 0.19 -12.37
N GLY A 95 -1.19 -1.07 -12.05
CA GLY A 95 0.10 -1.34 -11.35
C GLY A 95 1.26 -0.94 -12.23
N VAL A 96 1.10 -1.12 -13.56
CA VAL A 96 2.19 -0.72 -14.50
C VAL A 96 2.22 0.82 -14.61
N LEU A 97 1.05 1.47 -14.69
CA LEU A 97 1.04 2.96 -14.74
C LEU A 97 1.71 3.53 -13.47
N ALA A 98 1.44 2.89 -12.34
CA ALA A 98 1.93 3.44 -11.06
C ALA A 98 3.46 3.54 -11.10
N GLN A 99 4.09 2.51 -11.65
CA GLN A 99 5.54 2.54 -11.74
C GLN A 99 6.04 3.69 -12.64
N LEU A 100 5.36 3.89 -13.79
CA LEU A 100 5.75 4.96 -14.70
C LEU A 100 5.65 6.36 -14.07
N GLY A 101 4.62 6.58 -13.25
CA GLY A 101 4.41 7.91 -12.67
C GLY A 101 5.47 8.24 -11.63
N SER A 102 6.00 7.26 -10.92
CA SER A 102 7.07 7.52 -9.95
C SER A 102 8.22 8.22 -10.59
N SER A 103 8.62 7.77 -11.79
CA SER A 103 9.82 8.36 -12.45
C SER A 103 9.65 9.90 -12.63
N VAL A 104 8.43 10.38 -12.85
CA VAL A 104 8.23 11.77 -13.12
C VAL A 104 8.32 12.55 -11.78
N ALA A 105 7.73 12.02 -10.72
CA ALA A 105 7.89 12.68 -9.39
C ALA A 105 9.38 12.72 -9.01
N ASP A 106 10.14 11.68 -9.37
CA ASP A 106 11.62 11.68 -9.08
C ASP A 106 12.30 12.78 -9.85
N GLN A 107 12.00 12.89 -11.17
CA GLN A 107 12.62 13.98 -11.95
C GLN A 107 12.36 15.33 -11.25
N ASN A 108 11.13 15.54 -10.83
CA ASN A 108 10.79 16.81 -10.19
C ASN A 108 11.56 17.02 -8.87
N ALA A 109 11.68 15.94 -8.10
CA ALA A 109 12.48 16.02 -6.86
C ALA A 109 13.94 16.37 -7.17
N ALA A 110 14.50 15.77 -8.22
CA ALA A 110 15.91 16.08 -8.60
C ALA A 110 16.03 17.57 -8.96
N MET A 111 15.09 18.10 -9.77
CA MET A 111 15.21 19.50 -10.20
C MET A 111 15.07 20.41 -8.98
N LEU A 112 14.07 20.15 -8.11
CA LEU A 112 13.95 20.99 -6.94
C LEU A 112 15.19 20.84 -6.02
N GLY A 113 15.67 19.61 -5.79
CA GLY A 113 16.85 19.44 -4.93
C GLY A 113 18.05 20.15 -5.49
N GLN A 114 18.23 20.23 -6.82
CA GLN A 114 19.44 20.92 -7.31
C GLN A 114 19.40 22.41 -7.01
N LEU A 115 18.20 22.96 -6.98
CA LEU A 115 18.04 24.43 -6.66
C LEU A 115 18.29 24.66 -5.16
N LEU A 116 18.07 23.62 -4.35
CA LEU A 116 18.15 23.73 -2.87
C LEU A 116 19.49 23.27 -2.33
N ALA A 117 20.31 22.55 -3.12
CA ALA A 117 21.54 21.98 -2.54
C ALA A 117 22.49 22.99 -1.87
N LYS A 118 22.69 24.14 -2.52
CA LYS A 118 23.64 25.10 -1.96
CA LYS A 118 23.61 25.13 -1.98
C LYS A 118 23.09 25.73 -0.67
N HIS A 119 21.81 25.49 -0.36
CA HIS A 119 21.15 25.92 0.93
C HIS A 119 21.17 24.82 1.94
N GLY A 120 21.82 23.71 1.62
CA GLY A 120 22.03 22.57 2.54
C GLY A 120 20.89 21.59 2.63
N ILE A 121 19.89 21.73 1.75
CA ILE A 121 18.72 20.86 1.81
C ILE A 121 18.81 19.73 0.81
N PRO A 122 18.82 18.48 1.31
CA PRO A 122 19.06 17.30 0.42
C PRO A 122 17.77 16.76 -0.15
N VAL A 123 17.87 16.04 -1.27
CA VAL A 123 16.77 15.13 -1.67
C VAL A 123 17.11 13.80 -1.00
N VAL A 124 16.12 13.17 -0.43
CA VAL A 124 16.36 11.96 0.32
C VAL A 124 15.36 10.90 -0.12
N GLY A 125 15.74 9.65 0.11
CA GLY A 125 14.71 8.56 0.22
C GLY A 125 14.56 8.40 1.77
N GLY A 126 13.36 8.13 2.21
CA GLY A 126 13.18 7.87 3.68
C GLY A 126 13.12 9.22 4.35
N ALA A 127 12.25 10.11 3.89
CA ALA A 127 12.23 11.43 4.54
C ALA A 127 11.85 11.37 6.01
N GLY A 128 10.86 10.52 6.37
CA GLY A 128 10.31 10.57 7.74
C GLY A 128 11.43 10.21 8.70
N LEU A 129 12.41 9.42 8.25
CA LEU A 129 13.42 8.96 9.23
C LEU A 129 14.76 9.60 8.85
N SER A 130 14.74 10.75 8.16
CA SER A 130 15.93 11.53 7.79
CA SER A 130 15.99 11.46 7.81
C SER A 130 16.33 12.35 9.02
N ALA A 131 16.74 11.59 10.01
CA ALA A 131 16.97 12.11 11.32
C ALA A 131 17.97 13.20 11.32
N VAL A 132 19.09 13.05 10.57
CA VAL A 132 20.18 14.04 10.71
C VAL A 132 19.77 15.42 10.13
N PRO A 133 19.37 15.47 8.84
CA PRO A 133 19.02 16.80 8.29
C PRO A 133 17.89 17.48 9.10
N LEU A 134 16.90 16.73 9.53
CA LEU A 134 15.83 17.32 10.31
C LEU A 134 16.23 17.81 11.76
N SER A 135 17.43 17.47 12.25
CA SER A 135 17.88 17.87 13.57
CA SER A 135 17.82 17.94 13.59
C SER A 135 18.83 19.07 13.55
N LEU A 136 19.18 19.50 12.35
CA LEU A 136 20.18 20.59 12.21
C LEU A 136 19.54 21.92 11.78
N ALA A 137 19.84 23.03 12.50
CA ALA A 137 19.32 24.34 12.07
C ALA A 137 19.85 24.69 10.70
N GLU A 138 21.04 24.21 10.36
CA GLU A 138 21.60 24.55 9.02
C GLU A 138 20.79 23.93 7.91
N VAL A 139 20.01 22.86 8.23
CA VAL A 139 19.32 22.13 7.17
C VAL A 139 17.82 22.19 7.46
N ASN A 140 17.28 21.34 8.35
CA ASN A 140 15.88 21.43 8.89
C ASN A 140 14.79 21.16 7.86
N ALA A 141 15.17 20.57 6.72
CA ALA A 141 14.19 20.28 5.65
C ALA A 141 14.82 19.23 4.75
N VAL A 142 13.99 18.43 4.09
CA VAL A 142 14.45 17.51 3.03
C VAL A 142 13.39 17.55 1.94
N VAL A 143 13.82 17.13 0.74
CA VAL A 143 12.91 16.96 -0.41
C VAL A 143 12.77 15.48 -0.62
N PHE A 144 11.55 15.05 -0.99
CA PHE A 144 11.34 13.61 -1.35
C PHE A 144 10.38 13.55 -2.53
N SER A 145 10.41 12.39 -3.18
CA SER A 145 9.54 12.15 -4.35
C SER A 145 8.20 11.67 -3.86
N GLY A 146 7.10 12.30 -4.28
CA GLY A 146 5.81 12.08 -3.57
C GLY A 146 4.99 10.89 -3.93
N MET A 147 5.45 10.00 -4.84
CA MET A 147 4.57 8.87 -5.21
C MET A 147 4.70 7.81 -4.09
N PRO A 148 3.60 7.04 -3.89
CA PRO A 148 3.71 5.91 -2.96
C PRO A 148 4.54 4.77 -3.53
N PRO A 149 4.93 3.80 -2.66
CA PRO A 149 5.79 2.69 -3.02
C PRO A 149 5.03 1.52 -3.74
N TYR A 150 3.70 1.64 -4.04
CA TYR A 150 2.90 0.44 -4.25
C TYR A 150 3.26 -0.23 -5.57
N LYS A 151 3.65 0.59 -6.54
CA LYS A 151 4.15 0.07 -7.84
C LYS A 151 3.14 -0.97 -8.40
N LEU A 152 3.59 -2.14 -8.81
CA LEU A 152 2.70 -3.12 -9.47
C LEU A 152 1.64 -3.59 -8.51
N TRP A 153 1.83 -3.37 -7.19
CA TRP A 153 0.84 -3.74 -6.18
C TRP A 153 -0.18 -2.61 -5.85
N MET A 154 -0.21 -1.61 -6.70
CA MET A 154 -1.18 -0.49 -6.56
C MET A 154 -2.62 -1.04 -6.63
N ARG A 155 -3.53 -0.67 -5.75
CA ARG A 155 -4.92 -1.05 -5.91
CA ARG A 155 -4.93 -1.11 -5.98
C ARG A 155 -5.51 -0.23 -7.06
N PRO A 156 -6.16 -0.86 -8.06
CA PRO A 156 -6.80 -0.03 -9.07
C PRO A 156 -8.02 0.67 -8.53
N ALA A 157 -8.42 1.72 -9.25
CA ALA A 157 -9.72 2.38 -9.03
C ALA A 157 -10.87 1.43 -9.48
N ALA A 158 -12.10 1.80 -9.15
CA ALA A 158 -13.26 0.97 -9.56
C ALA A 158 -13.41 0.95 -11.05
N GLU A 159 -12.98 2.04 -11.73
CA GLU A 159 -13.07 2.14 -13.20
C GLU A 159 -11.78 2.68 -13.71
N GLY A 160 -11.35 2.12 -14.83
CA GLY A 160 -10.16 2.64 -15.55
C GLY A 160 -8.83 2.23 -14.89
N VAL A 161 -7.73 2.62 -15.51
CA VAL A 161 -6.41 2.14 -15.09
C VAL A 161 -5.53 3.24 -14.52
N ILE A 162 -6.07 4.48 -14.34
CA ILE A 162 -5.16 5.49 -13.75
C ILE A 162 -4.97 5.14 -12.28
N PRO A 163 -3.71 5.12 -11.81
CA PRO A 163 -3.50 4.77 -10.38
C PRO A 163 -4.26 5.73 -9.50
N PRO A 164 -5.07 5.22 -8.53
CA PRO A 164 -5.85 6.16 -7.71
C PRO A 164 -5.03 6.81 -6.59
N TYR A 165 -3.91 6.21 -6.19
CA TYR A 165 -3.08 6.75 -5.12
C TYR A 165 -1.83 7.32 -5.77
N ARG A 166 -1.75 8.66 -5.91
CA ARG A 166 -0.62 9.24 -6.61
C ARG A 166 0.06 10.22 -5.58
N THR A 167 0.57 11.37 -6.02
CA THR A 167 1.45 12.10 -5.09
C THR A 167 0.71 12.81 -3.96
N ASP A 168 -0.57 13.16 -4.12
CA ASP A 168 -1.34 13.67 -2.93
C ASP A 168 -1.40 12.58 -1.87
N ALA A 169 -1.70 11.33 -2.26
CA ALA A 169 -1.80 10.23 -1.31
C ALA A 169 -0.41 9.89 -0.75
N GLY A 170 0.62 9.92 -1.58
CA GLY A 170 1.96 9.57 -1.09
C GLY A 170 2.33 10.55 0.05
N CYS A 171 2.18 11.86 -0.23
CA CYS A 171 2.60 12.83 0.77
C CYS A 171 1.73 12.73 2.02
N PHE A 172 0.42 12.60 1.82
CA PHE A 172 -0.49 12.52 2.96
C PHE A 172 -0.11 11.36 3.87
N LEU A 173 0.11 10.19 3.26
CA LEU A 173 0.40 9.01 4.10
C LEU A 173 1.72 9.13 4.84
N LEU A 174 2.72 9.79 4.26
CA LEU A 174 3.96 9.99 4.96
C LEU A 174 3.66 10.90 6.21
N ALA A 175 2.94 12.01 6.01
CA ALA A 175 2.57 12.87 7.18
C ALA A 175 1.85 12.06 8.26
N GLU A 176 0.92 11.20 7.84
CA GLU A 176 0.12 10.40 8.79
C GLU A 176 1.01 9.38 9.50
N GLN A 177 1.87 8.69 8.73
CA GLN A 177 2.67 7.65 9.34
C GLN A 177 3.68 8.22 10.36
N PHE A 178 4.27 9.37 10.03
CA PHE A 178 5.27 9.93 10.93
C PHE A 178 4.67 10.85 11.99
N GLY A 179 3.35 10.97 12.03
CA GLY A 179 2.69 11.71 13.11
C GLY A 179 3.06 13.18 13.03
N CYS A 180 3.22 13.73 11.82
CA CYS A 180 3.59 15.13 11.63
C CYS A 180 2.45 16.06 12.05
N LYS A 181 2.82 17.29 12.40
CA LYS A 181 1.84 18.17 12.99
C LYS A 181 0.90 18.80 11.93
N GLN A 182 1.29 18.85 10.65
CA GLN A 182 0.53 19.64 9.66
C GLN A 182 0.88 19.07 8.26
N MET A 183 -0.07 19.16 7.35
CA MET A 183 0.02 18.71 5.96
C MET A 183 -0.53 19.84 5.11
N ILE A 184 0.33 20.34 4.25
CA ILE A 184 -0.04 21.47 3.36
C ILE A 184 0.16 21.08 1.90
N PHE A 185 -0.94 21.16 1.11
CA PHE A 185 -0.84 20.90 -0.34
C PHE A 185 -0.70 22.21 -1.05
N VAL A 186 0.36 22.32 -1.86
CA VAL A 186 0.64 23.58 -2.58
C VAL A 186 0.21 23.39 -4.03
N LYS A 187 -0.86 24.06 -4.43
CA LYS A 187 -1.47 23.86 -5.77
C LYS A 187 -1.44 25.19 -6.47
N ASP A 188 -2.30 25.38 -7.46
CA ASP A 188 -2.28 26.65 -8.23
C ASP A 188 -3.61 27.34 -8.21
N GLU A 189 -4.41 27.04 -7.19
CA GLU A 189 -5.68 27.78 -6.95
C GLU A 189 -5.73 28.17 -5.52
N ASP A 190 -6.51 29.20 -5.18
CA ASP A 190 -6.49 29.66 -3.78
C ASP A 190 -6.97 28.61 -2.77
N GLY A 191 -7.78 27.66 -3.22
CA GLY A 191 -8.21 26.62 -2.33
C GLY A 191 -9.38 25.93 -3.03
N LEU A 192 -10.24 25.32 -2.23
CA LEU A 192 -11.39 24.60 -2.75
C LEU A 192 -12.52 25.62 -3.11
N TYR A 193 -13.15 25.45 -4.27
CA TYR A 193 -14.33 26.19 -4.66
C TYR A 193 -15.52 25.22 -4.86
N THR A 194 -16.70 25.80 -5.01
CA THR A 194 -17.94 24.99 -5.23
C THR A 194 -17.93 24.32 -6.64
N ALA A 195 -17.07 24.77 -7.56
CA ALA A 195 -16.82 24.10 -8.91
C ALA A 195 -15.37 24.34 -9.30
N ASN A 196 -14.81 23.64 -10.31
CA ASN A 196 -13.43 23.90 -10.82
C ASN A 196 -13.32 25.32 -11.29
N PRO A 197 -12.52 26.15 -10.56
CA PRO A 197 -12.52 27.56 -10.89
C PRO A 197 -11.95 27.81 -12.31
N LYS A 198 -11.20 26.84 -12.87
CA LYS A 198 -10.64 26.97 -14.23
C LYS A 198 -11.70 26.89 -15.31
N THR A 199 -12.79 26.16 -15.01
CA THR A 199 -13.83 25.69 -15.96
C THR A 199 -15.17 26.35 -15.68
N SER A 200 -15.25 27.15 -14.65
CA SER A 200 -16.58 27.47 -14.12
C SER A 200 -16.65 28.90 -13.66
N LYS A 201 -17.65 29.59 -14.18
CA LYS A 201 -17.70 31.05 -14.08
C LYS A 201 -17.90 31.58 -12.64
N ASP A 202 -18.93 31.14 -11.92
CA ASP A 202 -19.11 31.75 -10.60
C ASP A 202 -18.99 30.80 -9.39
N ALA A 203 -17.94 29.99 -9.42
CA ALA A 203 -17.57 29.17 -8.29
C ALA A 203 -17.25 30.05 -7.09
N THR A 204 -17.73 29.61 -5.93
CA THR A 204 -17.54 30.34 -4.66
C THR A 204 -16.50 29.65 -3.81
N PHE A 205 -15.65 30.48 -3.18
CA PHE A 205 -14.56 29.99 -2.41
C PHE A 205 -15.04 29.33 -1.11
N ILE A 206 -14.39 28.22 -0.71
CA ILE A 206 -14.76 27.54 0.53
C ILE A 206 -13.57 27.55 1.49
N PRO A 207 -13.66 28.37 2.56
CA PRO A 207 -12.46 28.43 3.46
C PRO A 207 -12.26 27.16 4.31
N ARG A 208 -13.34 26.46 4.63
CA ARG A 208 -13.25 25.38 5.58
CA ARG A 208 -13.26 25.35 5.59
C ARG A 208 -14.39 24.38 5.32
N ILE A 209 -14.06 23.09 5.29
CA ILE A 209 -15.12 22.10 5.03
C ILE A 209 -14.64 20.71 5.56
N SER A 210 -15.61 19.85 5.89
CA SER A 210 -15.33 18.50 6.35
C SER A 210 -15.41 17.59 5.14
N VAL A 211 -14.73 16.46 5.21
CA VAL A 211 -14.84 15.41 4.15
C VAL A 211 -16.32 15.04 3.89
N ASP A 212 -17.13 14.82 4.93
CA ASP A 212 -18.56 14.48 4.66
C ASP A 212 -19.26 15.59 3.89
N GLU A 213 -19.00 16.85 4.29
CA GLU A 213 -19.64 17.96 3.58
C GLU A 213 -19.16 18.01 2.12
N MET A 214 -17.84 17.78 1.84
CA MET A 214 -17.34 17.77 0.46
C MET A 214 -18.07 16.70 -0.36
N LYS A 215 -18.24 15.53 0.22
CA LYS A 215 -18.89 14.44 -0.54
C LYS A 215 -20.33 14.85 -0.85
N ALA A 216 -21.00 15.37 0.17
CA ALA A 216 -22.42 15.80 -0.02
C ALA A 216 -22.61 16.88 -1.10
N LYS A 217 -21.61 17.73 -1.33
CA LYS A 217 -21.67 18.80 -2.32
C LYS A 217 -21.12 18.39 -3.69
N GLY A 218 -20.81 17.10 -3.86
CA GLY A 218 -20.18 16.58 -5.07
C GLY A 218 -18.74 17.00 -5.38
N LEU A 219 -18.00 17.32 -4.34
CA LEU A 219 -16.57 17.66 -4.45
C LEU A 219 -15.59 16.55 -4.06
N HIS A 220 -16.05 15.29 -3.93
CA HIS A 220 -15.13 14.15 -3.59
C HIS A 220 -13.87 14.12 -4.52
N ASP A 221 -14.04 14.51 -5.80
CA ASP A 221 -12.96 14.49 -6.75
C ASP A 221 -12.78 15.88 -7.36
N SER A 222 -12.06 16.77 -6.65
CA SER A 222 -11.94 18.17 -7.07
C SER A 222 -10.45 18.50 -6.93
N ILE A 223 -10.09 19.24 -5.89
CA ILE A 223 -8.70 19.77 -5.78
C ILE A 223 -7.65 18.75 -5.25
N LEU A 224 -8.11 17.67 -4.58
CA LEU A 224 -7.19 16.57 -4.13
C LEU A 224 -7.56 15.25 -4.77
N GLU A 225 -6.61 14.32 -4.94
CA GLU A 225 -7.03 13.00 -5.33
C GLU A 225 -8.12 12.48 -4.35
N PHE A 226 -9.19 11.89 -4.91
CA PHE A 226 -10.38 11.64 -4.02
C PHE A 226 -10.07 10.57 -2.91
N PRO A 227 -9.20 9.60 -3.20
CA PRO A 227 -8.95 8.64 -2.10
C PRO A 227 -8.29 9.28 -0.89
N VAL A 228 -7.63 10.41 -1.08
CA VAL A 228 -7.08 11.07 0.10
C VAL A 228 -8.12 11.50 1.14
N LEU A 229 -9.32 11.87 0.69
CA LEU A 229 -10.37 12.25 1.63
C LEU A 229 -10.78 11.04 2.49
N ASP A 230 -10.74 9.83 1.93
CA ASP A 230 -11.02 8.62 2.75
C ASP A 230 -9.86 8.27 3.62
N LEU A 231 -8.64 8.44 3.13
CA LEU A 231 -7.48 8.18 4.01
C LEU A 231 -7.55 9.17 5.17
N LEU A 232 -7.94 10.41 4.89
CA LEU A 232 -7.98 11.42 5.96
C LEU A 232 -8.97 11.03 7.04
N GLN A 233 -10.10 10.48 6.63
CA GLN A 233 -11.09 10.07 7.63
C GLN A 233 -10.64 8.88 8.49
N SER A 234 -9.74 8.03 7.98
CA SER A 234 -9.18 6.91 8.72
C SER A 234 -7.90 7.26 9.53
N ALA A 235 -7.37 8.45 9.33
CA ALA A 235 -6.06 8.82 9.87
C ALA A 235 -6.05 8.91 11.41
N GLN A 236 -4.93 8.47 12.03
CA GLN A 236 -4.78 8.54 13.46
CA GLN A 236 -4.75 8.53 13.47
C GLN A 236 -4.20 9.89 13.90
N HIS A 237 -3.38 10.49 13.04
CA HIS A 237 -2.52 11.62 13.41
C HIS A 237 -2.85 12.90 12.71
N VAL A 238 -2.99 12.85 11.39
CA VAL A 238 -3.26 14.09 10.64
C VAL A 238 -4.74 14.07 10.29
N ARG A 239 -5.49 14.89 11.02
CA ARG A 239 -6.94 14.88 10.89
C ARG A 239 -7.51 16.09 10.13
N GLU A 240 -6.63 16.90 9.59
CA GLU A 240 -7.04 17.99 8.69
C GLU A 240 -5.86 18.29 7.77
N VAL A 241 -6.15 18.91 6.62
CA VAL A 241 -5.07 19.33 5.73
C VAL A 241 -5.40 20.73 5.24
N GLN A 242 -4.42 21.45 4.70
CA GLN A 242 -4.67 22.80 4.20
C GLN A 242 -4.21 22.82 2.77
N VAL A 243 -5.04 23.38 1.91
CA VAL A 243 -4.68 23.53 0.49
C VAL A 243 -4.45 24.99 0.20
N VAL A 244 -3.28 25.32 -0.38
CA VAL A 244 -2.93 26.74 -0.59
C VAL A 244 -2.43 26.96 -2.01
N ASN A 245 -2.34 28.22 -2.42
CA ASN A 245 -1.94 28.56 -3.78
C ASN A 245 -0.45 28.88 -3.75
N GLY A 246 0.38 28.01 -4.33
CA GLY A 246 1.83 28.28 -4.36
C GLY A 246 2.24 29.38 -5.30
N LEU A 247 1.32 29.82 -6.16
CA LEU A 247 1.61 30.92 -7.10
C LEU A 247 1.54 32.29 -6.45
N VAL A 248 1.01 32.37 -5.23
CA VAL A 248 0.83 33.69 -4.57
C VAL A 248 2.05 33.83 -3.64
N PRO A 249 2.85 34.88 -3.85
CA PRO A 249 4.08 35.05 -3.05
C PRO A 249 3.79 35.03 -1.56
N GLY A 250 4.54 34.21 -0.85
CA GLY A 250 4.47 34.15 0.61
C GLY A 250 3.35 33.30 1.16
N ASN A 251 2.52 32.72 0.29
CA ASN A 251 1.40 31.93 0.80
C ASN A 251 1.88 30.73 1.66
N LEU A 252 2.90 30.03 1.21
CA LEU A 252 3.40 28.90 1.97
C LEU A 252 3.99 29.38 3.35
N THR A 253 4.76 30.46 3.29
CA THR A 253 5.27 31.04 4.53
C THR A 253 4.11 31.40 5.50
N ARG A 254 3.05 32.07 4.98
CA ARG A 254 1.92 32.44 5.84
C ARG A 254 1.20 31.24 6.41
N ALA A 255 1.01 30.17 5.59
CA ALA A 255 0.37 29.00 6.12
C ALA A 255 1.19 28.40 7.21
N LEU A 256 2.54 28.34 7.03
CA LEU A 256 3.40 27.80 8.09
C LEU A 256 3.36 28.64 9.39
N ALA A 257 3.04 29.94 9.24
CA ALA A 257 2.88 30.83 10.41
C ALA A 257 1.52 30.72 11.06
N GLY A 258 0.63 29.84 10.56
CA GLY A 258 -0.67 29.68 11.21
C GLY A 258 -1.74 30.56 10.58
N GLU A 259 -1.45 31.22 9.46
CA GLU A 259 -2.52 32.04 8.85
C GLU A 259 -3.46 31.13 8.03
N HIS A 260 -4.72 31.46 8.02
CA HIS A 260 -5.71 30.65 7.38
C HIS A 260 -5.87 30.95 5.92
N VAL A 261 -4.78 30.96 5.16
CA VAL A 261 -4.90 31.16 3.74
C VAL A 261 -5.46 29.82 3.15
N GLY A 262 -6.10 29.92 2.06
CA GLY A 262 -6.51 28.64 1.42
C GLY A 262 -7.68 27.96 2.13
N THR A 263 -7.77 26.64 1.91
CA THR A 263 -8.89 25.91 2.44
C THR A 263 -8.38 24.88 3.44
N ILE A 264 -9.06 24.78 4.58
CA ILE A 264 -8.76 23.74 5.58
C ILE A 264 -9.84 22.66 5.40
N ILE A 265 -9.41 21.42 5.08
CA ILE A 265 -10.34 20.29 4.95
C ILE A 265 -10.17 19.40 6.16
N THR A 266 -11.28 19.12 6.87
CA THR A 266 -11.17 18.36 8.11
C THR A 266 -11.77 16.97 7.97
N ALA A 267 -11.16 16.01 8.67
CA ALA A 267 -11.71 14.60 8.66
C ALA A 267 -13.15 14.60 9.16
N SER A 268 -13.38 15.36 10.24
CA SER A 268 -14.78 15.38 10.72
C SER A 268 -15.27 16.77 10.93
N ARG B 1 -10.90 -4.12 -20.60
CA ARG B 1 -10.08 -4.47 -19.44
C ARG B 1 -8.63 -4.53 -19.88
N PRO B 2 -7.70 -4.37 -18.90
CA PRO B 2 -6.29 -4.39 -19.31
C PRO B 2 -5.87 -5.72 -19.84
N ILE B 3 -4.81 -5.73 -20.67
CA ILE B 3 -4.25 -7.03 -21.16
C ILE B 3 -3.72 -7.85 -20.00
N ARG B 4 -3.59 -9.16 -20.22
CA ARG B 4 -2.90 -10.04 -19.28
C ARG B 4 -1.42 -10.00 -19.63
N LEU B 5 -0.58 -9.66 -18.67
CA LEU B 5 0.87 -9.52 -18.92
C LEU B 5 1.48 -10.91 -19.02
N LEU B 6 1.07 -11.80 -18.13
CA LEU B 6 1.67 -13.21 -18.04
C LEU B 6 0.52 -14.22 -17.91
N PRO B 7 -0.19 -14.45 -19.03
CA PRO B 7 -1.45 -15.25 -18.96
C PRO B 7 -1.19 -16.71 -18.59
N TRP B 8 0.06 -17.14 -18.78
CA TRP B 8 0.39 -18.55 -18.52
C TRP B 8 0.91 -18.82 -17.09
N LEU B 9 0.99 -17.75 -16.26
CA LEU B 9 1.55 -17.83 -14.90
C LEU B 9 0.54 -18.47 -13.93
N GLN B 10 1.03 -19.33 -13.02
CA GLN B 10 0.20 -19.77 -11.87
C GLN B 10 0.84 -19.19 -10.62
N VAL B 11 0.05 -18.54 -9.78
CA VAL B 11 0.59 -18.00 -8.52
C VAL B 11 0.11 -18.86 -7.35
N VAL B 12 1.02 -19.22 -6.43
CA VAL B 12 0.70 -20.04 -5.29
C VAL B 12 1.17 -19.30 -4.05
N LYS B 13 0.28 -19.02 -3.11
CA LYS B 13 0.67 -18.32 -1.87
C LYS B 13 0.68 -19.36 -0.77
N ILE B 14 1.82 -19.47 -0.06
CA ILE B 14 2.00 -20.48 1.00
C ILE B 14 1.84 -19.72 2.35
N GLY B 15 0.90 -20.15 3.21
CA GLY B 15 0.66 -19.43 4.47
C GLY B 15 1.91 -19.44 5.38
N GLY B 16 2.21 -18.30 6.05
CA GLY B 16 3.30 -18.28 7.02
C GLY B 16 3.06 -19.33 8.14
N ARG B 17 1.79 -19.62 8.56
CA ARG B 17 1.54 -20.58 9.62
C ARG B 17 1.76 -22.01 9.12
N VAL B 18 1.68 -22.26 7.79
CA VAL B 18 2.15 -23.55 7.29
C VAL B 18 3.67 -23.69 7.46
N MET B 19 4.42 -22.67 7.05
CA MET B 19 5.88 -22.72 7.18
C MET B 19 6.25 -22.87 8.68
N ASP B 20 5.47 -22.23 9.55
CA ASP B 20 5.80 -22.30 11.03
C ASP B 20 5.76 -23.73 11.60
N ARG B 21 5.10 -24.63 10.84
CA ARG B 21 5.04 -26.06 11.30
C ARG B 21 6.37 -26.76 11.10
N GLY B 22 7.29 -26.16 10.37
CA GLY B 22 8.62 -26.73 10.25
C GLY B 22 8.62 -27.90 9.30
N ALA B 23 9.70 -28.69 9.37
CA ALA B 23 9.92 -29.80 8.47
C ALA B 23 8.73 -30.73 8.28
N ASP B 24 7.98 -31.02 9.35
CA ASP B 24 6.84 -31.98 9.21
C ASP B 24 5.84 -31.49 8.17
N ALA B 25 5.62 -30.17 8.02
CA ALA B 25 4.76 -29.63 6.94
C ALA B 25 5.54 -29.29 5.68
N ILE B 26 6.76 -28.73 5.88
CA ILE B 26 7.50 -28.21 4.75
C ILE B 26 8.06 -29.31 3.83
N LEU B 27 8.57 -30.40 4.40
CA LEU B 27 9.17 -31.44 3.55
C LEU B 27 8.13 -32.03 2.59
N PRO B 28 6.91 -32.40 3.09
CA PRO B 28 5.92 -32.93 2.11
C PRO B 28 5.52 -31.87 1.09
N LEU B 29 5.40 -30.59 1.47
CA LEU B 29 5.05 -29.53 0.52
CA LEU B 29 5.03 -29.57 0.50
C LEU B 29 6.17 -29.39 -0.52
N VAL B 30 7.42 -29.37 -0.07
CA VAL B 30 8.55 -29.31 -0.99
C VAL B 30 8.53 -30.47 -2.03
N GLU B 31 8.27 -31.67 -1.54
CA GLU B 31 8.19 -32.82 -2.45
C GLU B 31 7.03 -32.61 -3.49
N GLU B 32 5.89 -32.09 -3.04
CA GLU B 32 4.75 -31.88 -3.92
C GLU B 32 5.11 -30.77 -4.93
N LEU B 33 5.71 -29.68 -4.45
CA LEU B 33 6.15 -28.62 -5.36
C LEU B 33 7.14 -29.16 -6.37
N ARG B 34 8.14 -29.95 -5.94
CA ARG B 34 9.13 -30.51 -6.91
C ARG B 34 8.37 -31.18 -8.06
N LYS B 35 7.35 -31.98 -7.70
CA LYS B 35 6.64 -32.75 -8.76
C LYS B 35 5.78 -31.82 -9.66
N LEU B 36 5.39 -30.62 -9.15
CA LEU B 36 4.57 -29.66 -9.91
C LEU B 36 5.42 -28.83 -10.85
N LEU B 37 6.74 -28.72 -10.61
CA LEU B 37 7.61 -27.83 -11.43
C LEU B 37 7.53 -28.08 -12.98
N PRO B 38 7.42 -29.38 -13.41
CA PRO B 38 7.33 -29.57 -14.86
C PRO B 38 5.99 -29.24 -15.43
N GLU B 39 4.96 -29.10 -14.57
CA GLU B 39 3.62 -28.97 -15.06
C GLU B 39 3.18 -27.48 -15.21
N HIS B 40 3.83 -26.59 -14.44
CA HIS B 40 3.27 -25.20 -14.33
C HIS B 40 4.40 -24.20 -14.33
N ARG B 41 4.16 -22.93 -14.66
CA ARG B 41 5.21 -21.88 -14.54
C ARG B 41 4.77 -21.19 -13.26
N LEU B 42 5.57 -21.31 -12.18
CA LEU B 42 4.99 -20.96 -10.83
C LEU B 42 5.69 -19.74 -10.22
N LEU B 43 4.90 -18.78 -9.73
CA LEU B 43 5.45 -17.76 -8.81
C LEU B 43 4.91 -18.18 -7.41
N ILE B 44 5.83 -18.55 -6.51
CA ILE B 44 5.45 -19.09 -5.21
C ILE B 44 5.72 -17.97 -4.18
N LEU B 45 4.69 -17.59 -3.45
CA LEU B 45 4.85 -16.38 -2.57
C LEU B 45 4.57 -16.81 -1.15
N THR B 46 5.44 -16.46 -0.18
CA THR B 46 5.23 -16.96 1.19
C THR B 46 4.65 -15.84 2.06
N GLY B 47 3.74 -16.22 2.98
CA GLY B 47 3.26 -15.30 4.03
C GLY B 47 4.20 -15.32 5.26
N ALA B 48 3.72 -14.76 6.35
CA ALA B 48 4.62 -14.30 7.47
C ALA B 48 4.49 -15.23 8.67
N GLY B 49 3.24 -15.53 9.11
CA GLY B 49 3.07 -16.47 10.28
C GLY B 49 3.47 -15.84 11.61
N VAL B 50 3.81 -16.69 12.56
CA VAL B 50 3.79 -16.33 13.99
C VAL B 50 4.90 -15.28 14.34
N ARG B 51 6.02 -15.28 13.62
CA ARG B 51 7.07 -14.26 14.01
C ARG B 51 6.55 -12.83 13.77
N ALA B 52 5.66 -12.64 12.79
CA ALA B 52 5.11 -11.27 12.62
C ALA B 52 4.21 -10.94 13.82
N ARG B 53 3.57 -11.94 14.43
CA ARG B 53 2.79 -11.64 15.69
C ARG B 53 3.70 -11.15 16.81
N HIS B 54 4.91 -11.76 16.92
CA HIS B 54 5.81 -11.31 17.92
C HIS B 54 6.31 -9.89 17.63
N VAL B 55 6.64 -9.59 16.39
CA VAL B 55 7.12 -8.23 16.13
C VAL B 55 5.97 -7.22 16.31
N PHE B 56 4.71 -7.62 15.99
CA PHE B 56 3.59 -6.73 16.30
C PHE B 56 3.48 -6.52 17.81
N SER B 57 3.66 -7.60 18.61
CA SER B 57 3.58 -7.46 20.07
C SER B 57 4.59 -6.36 20.56
N VAL B 58 5.83 -6.51 20.12
CA VAL B 58 6.91 -5.55 20.51
C VAL B 58 6.58 -4.15 19.94
N GLY B 59 6.32 -4.07 18.64
CA GLY B 59 6.09 -2.78 18.01
C GLY B 59 4.89 -2.05 18.61
N LEU B 60 3.78 -2.78 18.85
CA LEU B 60 2.56 -2.12 19.44
C LEU B 60 2.88 -1.68 20.89
N ASP B 61 3.69 -2.47 21.61
CA ASP B 61 4.09 -2.10 22.98
C ASP B 61 4.93 -0.83 22.95
N LEU B 62 5.72 -0.67 21.88
CA LEU B 62 6.52 0.58 21.72
C LEU B 62 5.69 1.75 21.16
N GLY B 63 4.43 1.51 20.76
CA GLY B 63 3.50 2.54 20.30
C GLY B 63 3.58 2.79 18.79
N LEU B 64 4.27 1.90 18.05
CA LEU B 64 4.61 2.24 16.66
C LEU B 64 3.35 2.17 15.77
N PRO B 65 3.27 3.07 14.78
CA PRO B 65 2.04 3.19 13.94
C PRO B 65 2.01 2.07 12.90
N VAL B 66 0.92 2.01 12.16
CA VAL B 66 0.67 0.79 11.37
C VAL B 66 1.69 0.73 10.22
N GLY B 67 2.09 1.90 9.69
CA GLY B 67 3.12 1.93 8.63
C GLY B 67 4.51 1.41 9.11
N SER B 68 4.83 1.53 10.40
CA SER B 68 6.06 0.92 10.97
C SER B 68 5.90 -0.58 11.00
N LEU B 69 4.73 -1.07 11.37
CA LEU B 69 4.58 -2.51 11.52
C LEU B 69 4.50 -3.26 10.20
N ALA B 70 4.11 -2.58 9.14
CA ALA B 70 3.89 -3.31 7.83
C ALA B 70 5.26 -3.92 7.32
N PRO B 71 6.36 -3.15 7.23
CA PRO B 71 7.58 -3.83 6.73
C PRO B 71 8.16 -4.77 7.73
N LEU B 72 7.91 -4.56 9.02
CA LEU B 72 8.40 -5.50 10.07
C LEU B 72 7.77 -6.90 9.88
N ALA B 73 6.47 -6.93 9.56
CA ALA B 73 5.81 -8.23 9.28
C ALA B 73 6.28 -8.77 7.96
N ALA B 74 6.43 -7.88 6.97
CA ALA B 74 6.84 -8.35 5.59
C ALA B 74 8.17 -9.11 5.71
N SER B 75 9.10 -8.67 6.57
CA SER B 75 10.40 -9.32 6.71
CA SER B 75 10.39 -9.33 6.60
C SER B 75 10.26 -10.83 6.98
N GLU B 76 9.28 -11.16 7.83
CA GLU B 76 9.04 -12.53 8.24
C GLU B 76 8.58 -13.36 7.02
N ALA B 77 7.82 -12.75 6.13
CA ALA B 77 7.37 -13.42 4.90
C ALA B 77 8.54 -13.63 3.96
N GLY B 78 9.46 -12.63 3.89
CA GLY B 78 10.71 -12.77 3.07
C GLY B 78 11.50 -13.92 3.63
N GLN B 79 11.65 -14.00 4.95
CA GLN B 79 12.51 -15.06 5.52
C GLN B 79 11.89 -16.44 5.22
N ASN B 80 10.58 -16.57 5.34
CA ASN B 80 9.95 -17.85 4.97
C ASN B 80 10.24 -18.19 3.49
N GLY B 81 10.26 -17.16 2.64
CA GLY B 81 10.51 -17.35 1.16
C GLY B 81 11.94 -17.83 0.98
N HIS B 82 12.91 -17.25 1.72
CA HIS B 82 14.29 -17.78 1.57
C HIS B 82 14.42 -19.24 2.05
N ILE B 83 13.77 -19.57 3.17
CA ILE B 83 13.76 -20.96 3.66
C ILE B 83 13.18 -21.88 2.59
N LEU B 84 12.01 -21.52 2.04
CA LEU B 84 11.36 -22.45 1.05
C LEU B 84 12.24 -22.57 -0.19
N ALA B 85 12.77 -21.43 -0.67
CA ALA B 85 13.60 -21.48 -1.91
C ALA B 85 14.84 -22.38 -1.66
N ALA B 86 15.47 -22.30 -0.48
CA ALA B 86 16.71 -23.10 -0.23
C ALA B 86 16.37 -24.57 -0.42
N MET B 87 15.17 -25.01 0.05
CA MET B 87 14.77 -26.42 -0.03
C MET B 87 14.57 -26.82 -1.48
N LEU B 88 14.30 -25.86 -2.36
CA LEU B 88 14.06 -26.15 -3.80
C LEU B 88 15.25 -25.79 -4.70
N ALA B 89 16.35 -25.34 -4.10
CA ALA B 89 17.49 -24.82 -4.87
C ALA B 89 18.01 -25.91 -5.85
N SER B 90 18.02 -27.14 -5.39
CA SER B 90 18.60 -28.17 -6.26
C SER B 90 17.74 -28.38 -7.54
N GLU B 91 16.47 -27.92 -7.53
CA GLU B 91 15.63 -27.96 -8.71
C GLU B 91 15.68 -26.67 -9.53
N GLY B 92 16.56 -25.74 -9.18
CA GLY B 92 16.76 -24.51 -10.00
C GLY B 92 15.94 -23.36 -9.45
N VAL B 93 15.41 -23.49 -8.23
CA VAL B 93 14.44 -22.43 -7.76
C VAL B 93 15.23 -21.48 -6.84
N SER B 94 15.02 -20.17 -6.96
CA SER B 94 15.61 -19.25 -5.96
C SER B 94 14.57 -18.22 -5.56
N TYR B 95 14.86 -17.53 -4.44
CA TYR B 95 14.10 -16.39 -4.03
C TYR B 95 14.46 -15.22 -4.95
N VAL B 96 13.47 -14.39 -5.31
CA VAL B 96 13.75 -13.17 -6.10
C VAL B 96 13.12 -12.00 -5.35
N GLU B 97 13.75 -10.82 -5.41
CA GLU B 97 13.24 -9.67 -4.70
C GLU B 97 12.01 -9.04 -5.33
N HIS B 98 11.32 -8.16 -4.57
CA HIS B 98 10.07 -7.52 -5.08
C HIS B 98 10.31 -6.76 -6.39
N PRO B 99 11.41 -5.97 -6.50
CA PRO B 99 11.55 -5.23 -7.83
C PRO B 99 11.77 -6.21 -8.98
N THR B 100 12.40 -7.34 -8.69
CA THR B 100 12.60 -8.39 -9.75
C THR B 100 11.25 -9.04 -10.08
N VAL B 101 10.42 -9.30 -9.08
CA VAL B 101 9.09 -9.82 -9.36
C VAL B 101 8.28 -8.81 -10.19
N ALA B 102 8.37 -7.54 -9.82
CA ALA B 102 7.51 -6.48 -10.45
C ALA B 102 7.95 -6.19 -11.89
N ASP B 103 9.26 -6.29 -12.20
CA ASP B 103 9.75 -5.91 -13.54
C ASP B 103 10.39 -6.97 -14.36
N GLN B 104 10.80 -8.08 -13.75
CA GLN B 104 11.59 -9.07 -14.51
CA GLN B 104 11.63 -9.06 -14.45
C GLN B 104 11.10 -10.47 -14.33
N LEU B 105 9.85 -10.62 -13.99
CA LEU B 105 9.44 -12.00 -13.69
C LEU B 105 9.49 -12.83 -15.01
N ALA B 106 9.16 -12.19 -16.14
CA ALA B 106 9.14 -12.93 -17.41
C ALA B 106 10.52 -13.59 -17.71
N ILE B 107 11.59 -12.85 -17.56
CA ILE B 107 12.88 -13.46 -17.84
CA ILE B 107 12.93 -13.41 -17.78
C ILE B 107 13.23 -14.53 -16.79
N HIS B 108 12.89 -14.32 -15.52
CA HIS B 108 13.26 -15.31 -14.50
C HIS B 108 12.50 -16.61 -14.70
N LEU B 109 11.25 -16.55 -15.19
CA LEU B 109 10.51 -17.78 -15.43
C LEU B 109 10.84 -18.35 -16.79
N SER B 110 11.60 -17.65 -17.61
CA SER B 110 12.16 -18.25 -18.84
CA SER B 110 12.17 -18.21 -18.84
C SER B 110 13.39 -19.07 -18.48
N ALA B 111 14.12 -18.61 -17.46
CA ALA B 111 15.34 -19.29 -17.00
C ALA B 111 15.05 -20.60 -16.19
N THR B 112 13.99 -20.58 -15.40
CA THR B 112 13.74 -21.69 -14.50
C THR B 112 12.22 -21.88 -14.33
N ARG B 113 11.79 -23.04 -13.75
CA ARG B 113 10.37 -23.33 -13.71
C ARG B 113 9.60 -22.60 -12.64
N ALA B 114 10.25 -22.23 -11.51
CA ALA B 114 9.52 -21.52 -10.45
C ALA B 114 10.48 -20.58 -9.78
N VAL B 115 9.92 -19.49 -9.26
CA VAL B 115 10.75 -18.68 -8.30
C VAL B 115 9.90 -18.41 -7.07
N VAL B 116 10.58 -18.00 -5.98
CA VAL B 116 9.86 -17.76 -4.69
C VAL B 116 10.02 -16.29 -4.37
N GLY B 117 8.99 -15.66 -3.83
CA GLY B 117 9.13 -14.21 -3.37
C GLY B 117 8.27 -14.03 -2.12
N SER B 118 8.42 -12.84 -1.53
CA SER B 118 7.57 -12.53 -0.37
C SER B 118 6.16 -12.15 -0.86
N ALA B 119 5.12 -12.72 -0.26
CA ALA B 119 3.76 -12.37 -0.62
C ALA B 119 3.35 -10.98 -0.11
N PHE B 120 4.03 -10.42 0.89
CA PHE B 120 3.61 -9.07 1.28
C PHE B 120 3.85 -8.05 0.19
N PRO B 121 2.92 -7.08 0.04
CA PRO B 121 3.16 -6.05 -0.96
C PRO B 121 3.97 -4.92 -0.29
N PRO B 122 4.67 -4.14 -1.09
CA PRO B 122 5.54 -3.06 -0.56
C PRO B 122 4.70 -1.80 -0.17
N TYR B 123 3.72 -1.90 0.73
CA TYR B 123 2.97 -0.71 1.15
C TYR B 123 3.78 0.00 2.21
N HIS B 124 4.45 -0.79 3.11
CA HIS B 124 5.51 -0.18 3.99
C HIS B 124 5.04 1.02 4.76
N HIS B 125 5.82 2.14 4.80
CA HIS B 125 5.35 3.19 5.69
C HIS B 125 4.17 3.93 5.09
N HIS B 126 3.75 3.58 3.88
CA HIS B 126 2.55 4.14 3.26
C HIS B 126 1.41 3.19 3.38
N GLU B 127 1.46 2.32 4.38
CA GLU B 127 0.29 1.42 4.66
C GLU B 127 -0.89 2.36 5.05
N PHE B 128 -2.11 1.93 4.76
CA PHE B 128 -3.28 2.72 5.08
C PHE B 128 -3.53 2.73 6.57
N PRO B 129 -3.97 3.89 7.09
CA PRO B 129 -4.29 3.94 8.53
C PRO B 129 -5.70 3.47 8.87
N GLY B 130 -6.00 3.29 10.16
CA GLY B 130 -7.38 2.94 10.55
C GLY B 130 -7.27 1.80 11.55
N SER B 131 -6.73 0.66 11.16
CA SER B 131 -6.39 -0.41 12.08
C SER B 131 -4.91 -0.24 12.49
N ARG B 132 -4.59 -0.68 13.71
CA ARG B 132 -3.21 -0.75 14.16
C ARG B 132 -2.47 -1.98 13.59
N ILE B 133 -3.20 -2.88 12.92
CA ILE B 133 -2.60 -4.08 12.27
C ILE B 133 -2.57 -3.78 10.76
N PRO B 134 -1.39 -3.94 10.11
CA PRO B 134 -1.27 -3.65 8.65
C PRO B 134 -2.36 -4.44 7.89
N PRO B 135 -3.16 -3.78 7.10
CA PRO B 135 -4.23 -4.54 6.40
C PRO B 135 -3.77 -5.24 5.13
N HIS B 136 -2.74 -4.74 4.41
CA HIS B 136 -2.45 -5.31 3.09
C HIS B 136 -1.36 -6.35 3.33
N ARG B 137 -1.79 -7.58 3.62
CA ARG B 137 -0.82 -8.60 4.03
C ARG B 137 -0.58 -9.60 2.89
N ALA B 138 -0.23 -10.83 3.24
CA ALA B 138 0.30 -11.77 2.21
C ALA B 138 -0.79 -12.22 1.22
N ASP B 139 -2.01 -12.52 1.70
CA ASP B 139 -3.08 -12.93 0.75
C ASP B 139 -3.32 -11.76 -0.22
N THR B 140 -3.35 -10.56 0.33
CA THR B 140 -3.64 -9.39 -0.47
C THR B 140 -2.55 -9.14 -1.49
N GLY B 141 -1.27 -9.12 -1.04
CA GLY B 141 -0.17 -8.89 -1.99
C GLY B 141 -0.18 -9.96 -3.11
N ALA B 142 -0.44 -11.22 -2.73
CA ALA B 142 -0.39 -12.29 -3.75
C ALA B 142 -1.51 -12.05 -4.81
N PHE B 143 -2.69 -11.62 -4.36
CA PHE B 143 -3.77 -11.43 -5.27
C PHE B 143 -3.47 -10.21 -6.14
N LEU B 144 -3.03 -9.08 -5.55
CA LEU B 144 -2.70 -7.92 -6.39
C LEU B 144 -1.78 -8.33 -7.53
N LEU B 145 -0.76 -9.14 -7.26
CA LEU B 145 0.18 -9.49 -8.33
C LEU B 145 -0.51 -10.43 -9.29
N ALA B 146 -1.23 -11.42 -8.75
CA ALA B 146 -1.81 -12.41 -9.69
C ALA B 146 -2.78 -11.67 -10.67
N ASP B 147 -3.56 -10.69 -10.15
CA ASP B 147 -4.53 -10.07 -10.98
C ASP B 147 -3.88 -9.02 -11.93
N ALA B 148 -2.84 -8.33 -11.44
CA ALA B 148 -2.09 -7.35 -12.27
C ALA B 148 -1.47 -8.13 -13.47
N PHE B 149 -0.91 -9.32 -13.19
CA PHE B 149 -0.32 -10.08 -14.26
C PHE B 149 -1.36 -10.71 -15.18
N GLY B 150 -2.60 -10.84 -14.73
CA GLY B 150 -3.66 -11.52 -15.50
C GLY B 150 -3.29 -13.05 -15.47
N ALA B 151 -2.74 -13.55 -14.36
CA ALA B 151 -2.32 -14.93 -14.22
C ALA B 151 -3.49 -15.88 -14.40
N ALA B 152 -3.14 -17.12 -14.69
CA ALA B 152 -4.15 -18.18 -14.95
C ALA B 152 -4.83 -18.55 -13.64
N GLY B 153 -4.14 -18.29 -12.52
CA GLY B 153 -4.82 -18.55 -11.22
C GLY B 153 -3.99 -18.05 -10.02
N LEU B 154 -4.67 -17.99 -8.88
CA LEU B 154 -4.03 -17.85 -7.55
C LEU B 154 -4.62 -18.89 -6.62
N THR B 155 -3.73 -19.68 -6.00
CA THR B 155 -4.20 -20.70 -5.07
C THR B 155 -3.55 -20.38 -3.72
N ILE B 156 -4.35 -20.36 -2.66
CA ILE B 156 -3.86 -20.04 -1.34
C ILE B 156 -3.79 -21.32 -0.52
N VAL B 157 -2.60 -21.58 0.02
CA VAL B 157 -2.31 -22.85 0.72
C VAL B 157 -2.28 -22.55 2.21
N GLU B 158 -3.32 -23.08 2.90
CA GLU B 158 -3.63 -22.79 4.32
C GLU B 158 -3.29 -23.98 5.20
N ASN B 159 -3.40 -23.77 6.52
CA ASN B 159 -3.20 -24.89 7.47
C ASN B 159 -4.57 -25.46 7.91
N VAL B 160 -5.65 -25.10 7.18
CA VAL B 160 -7.03 -25.62 7.40
C VAL B 160 -7.67 -25.92 6.04
N ASP B 161 -8.84 -26.61 6.02
CA ASP B 161 -9.42 -27.08 4.78
C ASP B 161 -9.91 -25.95 3.91
N GLY B 162 -10.18 -24.77 4.52
CA GLY B 162 -10.73 -23.70 3.77
C GLY B 162 -11.39 -22.71 4.70
N ILE B 163 -12.41 -22.02 4.21
CA ILE B 163 -13.11 -21.03 5.07
C ILE B 163 -14.32 -21.72 5.75
N TYR B 164 -14.46 -21.55 7.05
CA TYR B 164 -15.61 -22.01 7.81
C TYR B 164 -16.42 -20.77 8.29
N THR B 165 -17.60 -21.01 8.86
CA THR B 165 -18.45 -19.98 9.41
C THR B 165 -17.95 -19.40 10.76
N ALA B 166 -16.93 -20.01 11.33
CA ALA B 166 -16.28 -19.54 12.57
C ALA B 166 -14.89 -20.07 12.57
N ASP B 167 -14.02 -19.51 13.44
CA ASP B 167 -12.66 -20.04 13.43
C ASP B 167 -12.68 -21.47 13.88
N PRO B 168 -12.22 -22.41 13.04
CA PRO B 168 -12.32 -23.81 13.45
C PRO B 168 -11.26 -24.28 14.49
N ASN B 169 -10.40 -23.37 14.92
CA ASN B 169 -9.50 -23.62 15.99
C ASN B 169 -9.83 -22.69 17.15
N GLY B 170 -10.92 -21.94 17.07
CA GLY B 170 -11.16 -20.89 18.10
C GLY B 170 -12.26 -21.22 19.12
N PRO B 171 -12.60 -20.25 20.01
CA PRO B 171 -13.58 -20.52 21.06
C PRO B 171 -14.94 -21.03 20.57
N ASP B 172 -15.33 -20.75 19.30
CA ASP B 172 -16.63 -21.19 18.75
C ASP B 172 -16.51 -22.30 17.70
N ARG B 173 -15.45 -23.09 17.81
CA ARG B 173 -15.11 -24.05 16.74
C ARG B 173 -16.19 -25.10 16.65
N GLY B 174 -16.97 -25.22 17.71
CA GLY B 174 -18.03 -26.25 17.76
C GLY B 174 -19.12 -26.01 16.75
N GLN B 175 -19.35 -24.76 16.40
CA GLN B 175 -20.32 -24.51 15.36
C GLN B 175 -19.71 -23.98 14.07
N ALA B 176 -18.39 -24.11 13.92
CA ALA B 176 -17.76 -23.81 12.68
C ALA B 176 -18.20 -24.84 11.56
N ARG B 177 -18.88 -24.35 10.52
CA ARG B 177 -19.29 -25.19 9.36
CA ARG B 177 -19.25 -25.19 9.38
C ARG B 177 -18.43 -24.82 8.12
N PHE B 178 -18.02 -25.84 7.38
CA PHE B 178 -17.14 -25.65 6.23
C PHE B 178 -17.91 -25.03 5.05
N LEU B 179 -17.30 -24.03 4.38
CA LEU B 179 -17.90 -23.40 3.17
C LEU B 179 -17.18 -23.86 1.89
N PRO B 180 -17.80 -24.77 1.09
CA PRO B 180 -17.06 -25.21 -0.14
C PRO B 180 -16.94 -24.04 -1.16
N GLU B 181 -17.88 -23.11 -1.17
CA GLU B 181 -17.83 -22.02 -2.11
C GLU B 181 -18.44 -20.77 -1.49
N THR B 182 -17.88 -19.63 -1.85
CA THR B 182 -18.45 -18.39 -1.38
C THR B 182 -18.09 -17.28 -2.33
N SER B 183 -18.71 -16.13 -2.19
CA SER B 183 -18.32 -14.98 -3.03
C SER B 183 -17.56 -14.03 -2.08
N ALA B 184 -16.70 -13.22 -2.65
CA ALA B 184 -16.02 -12.21 -1.86
C ALA B 184 -16.99 -11.21 -1.29
N THR B 185 -18.02 -10.86 -2.04
CA THR B 185 -19.00 -9.88 -1.52
C THR B 185 -19.73 -10.48 -0.33
N ASP B 186 -20.06 -11.74 -0.37
CA ASP B 186 -20.74 -12.34 0.80
C ASP B 186 -19.84 -12.32 2.03
N LEU B 187 -18.57 -12.66 1.84
CA LEU B 187 -17.63 -12.72 2.97
C LEU B 187 -17.44 -11.32 3.51
N ALA B 188 -17.43 -10.36 2.61
CA ALA B 188 -17.04 -8.99 2.99
C ALA B 188 -18.08 -8.43 3.91
N LYS B 189 -19.33 -8.92 3.75
CA LYS B 189 -20.42 -8.37 4.52
C LYS B 189 -20.61 -9.10 5.82
N SER B 190 -19.94 -10.22 6.03
CA SER B 190 -20.01 -10.90 7.34
C SER B 190 -18.99 -10.27 8.28
N GLU B 191 -19.21 -10.42 9.57
CA GLU B 191 -18.24 -10.08 10.60
C GLU B 191 -17.70 -11.40 11.14
N GLY B 192 -16.50 -11.37 11.67
CA GLY B 192 -15.97 -12.54 12.30
C GLY B 192 -14.65 -12.77 11.60
N PRO B 193 -13.82 -13.66 12.15
CA PRO B 193 -12.49 -13.90 11.57
C PRO B 193 -12.60 -14.82 10.30
N LEU B 194 -11.58 -14.68 9.47
CA LEU B 194 -11.35 -15.49 8.25
C LEU B 194 -9.91 -15.97 8.25
N PRO B 195 -9.63 -17.03 7.46
CA PRO B 195 -8.22 -17.39 7.27
C PRO B 195 -7.53 -16.52 6.15
N VAL B 196 -8.25 -15.55 5.57
CA VAL B 196 -7.66 -14.63 4.54
C VAL B 196 -7.86 -13.20 4.97
N ASP B 197 -6.96 -12.35 4.50
CA ASP B 197 -7.01 -10.90 4.87
C ASP B 197 -8.38 -10.34 4.49
N ARG B 198 -8.97 -9.47 5.30
CA ARG B 198 -10.16 -8.76 4.83
C ARG B 198 -9.86 -7.85 3.61
N ALA B 199 -8.63 -7.30 3.51
CA ALA B 199 -8.25 -6.52 2.32
C ALA B 199 -8.32 -7.34 1.05
N LEU B 200 -8.16 -8.66 1.16
CA LEU B 200 -8.19 -9.49 -0.08
C LEU B 200 -9.57 -9.30 -0.72
N LEU B 201 -10.65 -9.29 0.09
CA LEU B 201 -12.04 -9.18 -0.46
C LEU B 201 -12.20 -7.82 -1.17
N ASP B 202 -11.54 -6.76 -0.65
CA ASP B 202 -11.60 -5.44 -1.30
C ASP B 202 -10.92 -5.43 -2.63
N VAL B 203 -9.74 -6.04 -2.69
CA VAL B 203 -9.01 -6.05 -3.96
C VAL B 203 -9.71 -6.99 -4.95
N MET B 204 -10.44 -8.00 -4.45
CA MET B 204 -11.24 -8.82 -5.35
C MET B 204 -12.35 -8.04 -6.03
N ALA B 205 -12.89 -7.01 -5.33
CA ALA B 205 -14.06 -6.23 -5.84
C ALA B 205 -13.56 -5.35 -7.03
N THR B 206 -12.25 -4.99 -7.10
CA THR B 206 -11.75 -4.13 -8.19
C THR B 206 -10.92 -4.94 -9.21
N ALA B 207 -10.89 -6.25 -9.02
CA ALA B 207 -10.09 -7.13 -9.88
C ALA B 207 -10.52 -7.04 -11.32
N ARG B 208 -9.57 -7.34 -12.22
CA ARG B 208 -9.92 -7.28 -13.66
C ARG B 208 -9.85 -8.64 -14.35
N HIS B 209 -9.23 -9.63 -13.73
CA HIS B 209 -8.97 -10.91 -14.46
C HIS B 209 -9.28 -12.14 -13.63
N ILE B 210 -8.77 -12.24 -12.40
CA ILE B 210 -8.94 -13.49 -11.67
C ILE B 210 -10.40 -13.66 -11.20
N GLU B 211 -11.06 -14.76 -11.66
CA GLU B 211 -12.47 -15.00 -11.38
C GLU B 211 -12.70 -15.76 -10.04
N ARG B 212 -11.76 -16.64 -9.68
CA ARG B 212 -11.87 -17.45 -8.47
CA ARG B 212 -11.86 -17.54 -8.54
C ARG B 212 -10.50 -17.72 -7.91
N VAL B 213 -10.48 -17.84 -6.58
CA VAL B 213 -9.28 -18.17 -5.82
C VAL B 213 -9.66 -19.31 -4.91
N GLN B 214 -8.86 -20.38 -4.94
CA GLN B 214 -9.18 -21.52 -4.06
C GLN B 214 -8.23 -21.52 -2.84
N VAL B 215 -8.82 -21.69 -1.64
CA VAL B 215 -8.08 -21.83 -0.43
C VAL B 215 -8.07 -23.33 -0.14
N VAL B 216 -6.88 -23.95 -0.04
CA VAL B 216 -6.83 -25.39 0.22
C VAL B 216 -5.86 -25.72 1.33
N ASN B 217 -5.96 -26.95 1.88
CA ASN B 217 -5.19 -27.33 3.02
C ASN B 217 -3.83 -27.89 2.55
N GLY B 218 -2.77 -27.11 2.75
CA GLY B 218 -1.41 -27.58 2.36
C GLY B 218 -0.85 -28.70 3.27
N LEU B 219 -1.56 -29.01 4.39
CA LEU B 219 -1.12 -30.09 5.22
C LEU B 219 -1.64 -31.43 4.69
N VAL B 220 -2.46 -31.41 3.63
CA VAL B 220 -2.89 -32.68 3.02
C VAL B 220 -2.25 -32.84 1.63
N PRO B 221 -1.31 -33.77 1.48
CA PRO B 221 -0.60 -33.92 0.21
C PRO B 221 -1.56 -34.17 -0.91
N GLY B 222 -1.28 -33.48 -1.99
CA GLY B 222 -2.06 -33.64 -3.23
C GLY B 222 -3.12 -32.57 -3.44
N ARG B 223 -3.52 -31.88 -2.37
CA ARG B 223 -4.52 -30.78 -2.56
C ARG B 223 -4.02 -29.62 -3.40
N LEU B 224 -2.77 -29.21 -3.18
CA LEU B 224 -2.24 -28.17 -4.02
C LEU B 224 -2.19 -28.61 -5.49
N THR B 225 -1.76 -29.84 -5.73
CA THR B 225 -1.69 -30.31 -7.13
C THR B 225 -3.07 -30.31 -7.76
N ALA B 226 -4.07 -30.80 -7.01
CA ALA B 226 -5.50 -30.88 -7.52
C ALA B 226 -6.01 -29.43 -7.80
N ALA B 227 -5.72 -28.49 -6.86
CA ALA B 227 -6.26 -27.11 -6.99
C ALA B 227 -5.65 -26.42 -8.26
N LEU B 228 -4.38 -26.70 -8.54
CA LEU B 228 -3.72 -26.13 -9.72
C LEU B 228 -4.28 -26.70 -11.02
N ARG B 229 -4.96 -27.85 -10.96
CA ARG B 229 -5.71 -28.34 -12.11
C ARG B 229 -7.21 -27.98 -12.06
N GLY B 230 -7.61 -27.14 -11.10
CA GLY B 230 -8.97 -26.68 -11.09
C GLY B 230 -9.92 -27.56 -10.33
N GLU B 231 -9.38 -28.59 -9.66
CA GLU B 231 -10.24 -29.52 -8.93
C GLU B 231 -10.66 -28.85 -7.62
N HIS B 232 -11.91 -29.11 -7.24
CA HIS B 232 -12.50 -28.42 -6.03
C HIS B 232 -12.18 -29.28 -4.83
N VAL B 233 -11.18 -28.84 -4.05
CA VAL B 233 -10.68 -29.58 -2.87
C VAL B 233 -10.63 -28.71 -1.59
N GLY B 234 -11.01 -27.43 -1.71
CA GLY B 234 -11.07 -26.49 -0.53
C GLY B 234 -12.21 -25.52 -0.77
N THR B 235 -12.04 -24.28 -0.32
CA THR B 235 -13.05 -23.28 -0.51
C THR B 235 -12.75 -22.42 -1.77
N LEU B 236 -13.71 -22.37 -2.68
CA LEU B 236 -13.60 -21.49 -3.83
C LEU B 236 -14.16 -20.12 -3.45
N ILE B 237 -13.38 -19.07 -3.70
CA ILE B 237 -13.91 -17.69 -3.49
C ILE B 237 -14.10 -17.05 -4.86
N ARG B 238 -15.37 -16.73 -5.20
CA ARG B 238 -15.64 -16.02 -6.46
CA ARG B 238 -15.65 -16.02 -6.47
C ARG B 238 -15.39 -14.53 -6.28
N THR B 239 -14.58 -13.95 -7.17
CA THR B 239 -14.22 -12.54 -7.04
C THR B 239 -15.27 -11.65 -7.66
N GLY B 240 -16.21 -12.17 -8.44
CA GLY B 240 -17.05 -11.22 -9.16
C GLY B 240 -16.44 -10.46 -10.38
N VAL B 241 -15.23 -10.83 -10.82
CA VAL B 241 -14.86 -10.62 -12.20
C VAL B 241 -15.77 -11.50 -13.10
N ARG B 242 -16.27 -10.98 -14.22
CA ARG B 242 -16.90 -11.87 -15.25
C ARG B 242 -16.12 -11.99 -16.58
N PRO B 243 -16.27 -13.14 -17.30
CA PRO B 243 -15.59 -13.31 -18.62
C PRO B 243 -15.91 -12.15 -19.59
N ALA B 244 -14.96 -11.85 -20.48
CA ALA B 244 -15.13 -10.69 -21.38
C ALA B 244 -16.22 -11.03 -22.39
PG ATP C . 0.21 16.60 -9.73
O1G ATP C . 1.26 16.82 -8.71
O2G ATP C . 0.53 17.06 -11.14
O3G ATP C . -0.51 15.28 -9.59
PB ATP C . -1.21 18.82 -8.63
O1B ATP C . -0.41 19.90 -9.20
O2B ATP C . -1.11 18.47 -7.17
O3B ATP C . -1.07 17.52 -9.50
PA ATP C . -3.89 18.84 -9.91
O1A ATP C . -3.69 19.75 -11.08
O2A ATP C . -4.07 17.35 -10.08
O3A ATP C . -2.74 19.23 -8.89
O5' ATP C . -5.03 19.45 -8.97
C5' ATP C . -5.17 20.87 -8.80
C4' ATP C . -6.24 21.32 -9.75
O4' ATP C . -7.52 20.88 -9.34
C3' ATP C . -6.43 22.82 -9.87
O3' ATP C . -5.52 23.18 -10.90
C2' ATP C . -7.88 22.93 -10.36
O2' ATP C . -7.98 23.15 -11.77
C1' ATP C . -8.50 21.55 -10.11
N9 ATP C . -9.84 21.58 -9.46
C8 ATP C . -10.84 20.74 -9.80
N7 ATP C . -11.95 20.95 -9.05
C5 ATP C . -11.65 22.00 -8.20
C6 ATP C . -12.41 22.73 -7.16
N6 ATP C . -13.72 22.45 -6.90
N1 ATP C . -11.76 23.68 -6.51
C2 ATP C . -10.47 24.03 -6.79
N3 ATP C . -9.73 23.41 -7.73
C4 ATP C . -10.26 22.39 -8.46
O1 8M0 D . 9.55 0.38 -1.21
MO1 8M0 D . 10.07 1.89 -0.27
O2 8M0 D . 11.18 1.26 1.05
MO2 8M0 D . 8.30 3.50 2.01
O3 8M0 D . 11.40 2.72 -1.42
MO3 8M0 D . 10.58 3.36 -3.16
O4 8M0 D . 9.04 3.32 -1.75
MO4 8M0 D . 8.75 5.05 -1.07
O5 8M0 D . 9.96 3.83 0.51
MO5 8M0 D . 8.91 7.09 3.63
O6 8M0 D . 9.09 2.70 3.32
MO6 8M0 D . 11.43 6.85 -1.46
O7 8M0 D . 7.51 4.59 0.30
MO7 8M0 D . 9.74 8.53 0.81
O8 8M0 D . 6.65 3.60 2.56
MO8 8M0 D . 10.91 5.36 1.56
O9 8M0 D . 12.37 3.68 -3.74
O10 8M0 D . 10.53 1.70 -4.01
O11 8M0 D . 9.66 6.57 -0.09
O12 8M0 D . 7.89 5.92 -2.41
O13 8M0 D . 7.30 6.69 4.25
O14 8M0 D . 8.32 7.72 1.93
O15 8M0 D . 10.00 5.94 4.80
O16 8M0 D . 10.63 7.13 2.25
O17 8M0 D . 11.46 8.40 -0.20
O18 8M0 D . 13.12 6.72 -2.09
O19 8M0 D . 10.50 7.76 -2.79
O20 8M0 D . 12.22 5.64 0.22
O21 8M0 D . 8.56 8.94 -0.47
O22 8M0 D . 11.70 4.56 2.91
O23 8M0 D . 10.33 10.05 1.75
O24 8M0 D . 8.40 2.07 0.70
O25 8M0 D . 8.88 5.42 2.23
O26 8M0 D . 10.83 4.98 -1.75
O27 8M0 D . 9.73 4.22 -4.44
O28 8M0 D . 9.44 8.59 4.50
P PO4 E . -7.67 24.65 12.48
O1 PO4 E . -6.48 24.62 11.48
O2 PO4 E . -7.15 24.18 13.83
O3 PO4 E . -8.22 26.07 12.62
O4 PO4 E . -8.75 23.65 12.04
MG MG F . 8.11 8.30 -2.87
O1 6M0 G . 13.57 1.38 -6.99
MO1 6M0 G . 13.51 3.41 -4.95
O2 6M0 G . 15.72 2.91 -4.11
MO2 6M0 G . 13.85 0.01 -5.95
O3 6M0 G . 14.37 3.73 -7.63
MO3 6M0 G . 13.13 2.63 -8.18
O4 6M0 G . 15.53 4.49 -5.82
MO4 6M0 G . 14.91 5.26 -7.19
O5 6M0 G . 14.66 0.67 -4.65
MO5 6M0 G . 16.43 4.48 -4.28
O6 6M0 G . 13.32 -0.92 -4.42
MO6 6M0 G . 15.67 1.33 -3.47
O7 6M0 G . 11.64 -0.05 -6.55
O8 6M0 G . 13.03 0.96 -5.39
O9 6M0 G . 14.68 -1.04 -6.54
O10 6M0 G . 12.09 3.93 -9.10
O11 6M0 G . 11.90 1.38 -8.76
O12 6M0 G . 14.02 2.29 -9.12
O13 6M0 G . 12.28 2.99 -7.22
O14 6M0 G . 15.03 6.86 -6.45
O15 6M0 G . 15.97 5.14 -7.90
O16 6M0 G . 13.75 5.78 -8.48
O17 6M0 G . 13.90 5.36 -6.39
O18 6M0 G . 16.64 6.10 -4.46
O19 6M0 G . 16.95 4.48 -2.30
O20 6M0 G . 17.54 4.15 -4.83
O21 6M0 G . 15.29 4.82 -3.70
O22 6M0 G . 16.03 2.50 -2.37
O23 6M0 G . 15.03 0.02 -2.78
O24 6M0 G . 16.90 0.80 -3.95
O25 6M0 G . 14.43 1.90 -2.95
PG ATP H . -0.02 -15.35 6.67
O1G ATP H . 0.48 -16.13 5.45
O2G ATP H . 1.03 -14.68 7.49
O3G ATP H . -1.20 -14.51 6.46
PB ATP H . -1.46 -17.78 7.35
O1B ATP H . -0.66 -19.04 7.31
O2B ATP H . -2.36 -17.49 6.20
O3B ATP H . -0.51 -16.54 7.67
PA ATP H . -3.62 -17.21 9.18
O1A ATP H . -3.20 -16.05 10.00
O2A ATP H . -4.58 -16.99 8.00
O3A ATP H . -2.29 -17.95 8.69
O5' ATP H . -4.19 -18.31 10.11
C5' ATP H . -4.97 -19.47 9.62
C4' ATP H . -5.93 -19.68 10.78
O4' ATP H . -7.01 -18.75 10.60
C3' ATP H . -6.66 -21.03 10.80
O3' ATP H . -5.79 -22.05 11.28
C2' ATP H . -7.89 -20.74 11.67
O2' ATP H . -7.52 -21.06 13.03
C1' ATP H . -8.02 -19.21 11.50
N9 ATP H . -9.38 -18.83 11.14
C8 ATP H . -10.00 -17.72 11.65
N7 ATP H . -11.25 -17.62 11.18
C5 ATP H . -11.38 -18.63 10.23
C6 ATP H . -12.47 -19.11 9.38
N6 ATP H . -13.67 -18.44 9.35
N1 ATP H . -12.23 -20.22 8.60
C2 ATP H . -11.04 -20.88 8.58
N3 ATP H . -9.99 -20.50 9.38
C4 ATP H . -10.15 -19.41 10.22
MG MG I . -4.38 -17.19 5.99
O1 8M0 J . 13.47 -11.21 2.63
MO1 8M0 J . 13.05 -9.53 2.61
O2 8M0 J . 13.16 -9.00 4.33
MO2 8M0 J . 10.11 -8.16 2.43
O3 8M0 J . 14.74 -8.78 2.06
MO3 8M0 J . 15.16 -9.09 0.20
O4 8M0 J . 12.97 -9.48 0.36
MO4 8M0 J . 12.04 -8.04 -0.36
O5 8M0 J . 12.19 -7.63 1.88
MO5 8M0 J . 8.99 -4.68 1.67
O6 8M0 J . 10.14 -7.68 4.13
MO6 8M0 J . 14.05 -5.56 -0.89
O7 8M0 J . 10.25 -8.42 0.32
MO7 8M0 J . 11.18 -3.95 -0.85
O8 8M0 J . 8.48 -8.62 2.05
MO8 8M0 J . 12.17 -5.61 1.99
O9 8M0 J . 16.71 -8.20 0.16
O10 8M0 J . 15.65 -10.81 0.35
O11 8M0 J . 11.89 -6.01 -0.31
O12 8M0 J . 11.89 -8.41 -2.11
O13 8M0 J . 7.36 -5.45 1.50
O14 8M0 J . 9.43 -4.63 -0.28
O15 8M0 J . 9.22 -4.27 3.42
O16 8M0 J . 11.19 -4.11 1.34
O17 8M0 J . 13.15 -3.84 -0.71
O18 8M0 J . 15.76 -5.07 -0.57
O19 8M0 J . 14.03 -5.73 -2.66
O20 8M0 J . 14.01 -5.35 1.37
O21 8M0 J . 11.02 -4.33 -2.62
O22 8M0 J . 12.16 -5.35 3.80
O23 8M0 J . 10.99 -2.14 -0.87
O24 8M0 J . 11.15 -9.72 2.51
O25 8M0 J . 10.18 -6.27 1.68
O26 8M0 J . 14.02 -7.37 -0.10
MO MO K . 17.93 -12.31 -11.19
P PO4 L . 10.47 -6.09 3.82
#